data_5EO8
#
_entry.id   5EO8
#
_cell.length_a   58.595
_cell.length_b   58.595
_cell.length_c   397.601
_cell.angle_alpha   90.000
_cell.angle_beta   90.000
_cell.angle_gamma   120.000
#
_symmetry.space_group_name_H-M   'P 61 2 2'
#
loop_
_entity.id
_entity.type
_entity.pdbx_description
1 polymer 'Predicted protein'
2 non-polymer 'methyl 1-seleno-beta-L-fucopyranoside'
3 water water
#
_entity_poly.entity_id   1
_entity_poly.type   'polypeptide(L)'
_entity_poly.pdbx_seq_one_letter_code
;MSTPGAQEVLFRTGIAAVNSTNHLRVYFQDSHGSIRESLYESGWANGTAKNVIAKAKLGTPLAATSKELKNIRVYSLTED
NVLQEAAYDSGSGWYNGALAGAKFTVAPYSRIGSVFLAGTNALQLRIYAQKTDNTIQEYMWNGDGWKEGTNLGVALPGTG
IGVTCWRYTDYDGPSIRVWFQTDNLKLVQRAYDPHTGWYKELTTIFDKAPPRCAIAATNFNPGKSSIYMRIYFVNSDNTI
WQVCWDHGQGYHDKRTITPVIQGSEIAIISWEGPELRLYFQNGTYVSAISEWTWGKAHGSQLGRRALPPAE
;
_entity_poly.pdbx_strand_id   A
#
# COMPACT_ATOMS: atom_id res chain seq x y z
N MET A 1 -3.13 -27.09 -10.32
CA MET A 1 -1.81 -27.09 -9.68
C MET A 1 -1.81 -26.08 -8.56
N SER A 2 -2.16 -26.52 -7.36
CA SER A 2 -2.12 -25.65 -6.20
C SER A 2 -1.56 -26.42 -5.02
N THR A 3 -1.68 -25.84 -3.83
CA THR A 3 -1.33 -26.53 -2.60
C THR A 3 -2.41 -26.21 -1.59
N PRO A 4 -2.54 -27.05 -0.55
CA PRO A 4 -3.54 -26.78 0.48
C PRO A 4 -3.40 -25.37 1.08
N GLY A 5 -2.16 -24.96 1.29
CA GLY A 5 -1.90 -23.64 1.85
C GLY A 5 -2.26 -22.52 0.91
N ALA A 6 -1.87 -22.67 -0.36
CA ALA A 6 -2.14 -21.65 -1.36
C ALA A 6 -3.65 -21.45 -1.53
N GLN A 7 -4.40 -22.53 -1.42
CA GLN A 7 -5.85 -22.50 -1.54
C GLN A 7 -6.52 -21.64 -0.48
N GLU A 8 -5.80 -21.38 0.61
CA GLU A 8 -6.32 -20.57 1.69
C GLU A 8 -6.25 -19.09 1.37
N VAL A 9 -5.40 -18.72 0.41
CA VAL A 9 -5.23 -17.32 0.03
C VAL A 9 -6.34 -16.89 -0.93
N LEU A 10 -7.04 -15.82 -0.59
CA LEU A 10 -8.12 -15.32 -1.43
C LEU A 10 -7.57 -14.87 -2.79
N PHE A 11 -8.23 -15.32 -3.85
CA PHE A 11 -7.90 -14.89 -5.21
C PHE A 11 -8.22 -13.40 -5.35
N ARG A 12 -7.23 -12.63 -5.81
CA ARG A 12 -7.33 -11.18 -5.91
C ARG A 12 -7.44 -10.52 -4.54
N THR A 13 -6.85 -11.17 -3.53
CA THR A 13 -6.78 -10.59 -2.19
C THR A 13 -6.12 -9.22 -2.22
N GLY A 14 -6.58 -8.34 -1.34
CA GLY A 14 -5.80 -7.15 -1.02
C GLY A 14 -4.47 -7.59 -0.46
N ILE A 15 -3.44 -6.79 -0.68
CA ILE A 15 -2.10 -7.07 -0.17
C ILE A 15 -1.50 -5.80 0.40
N ALA A 16 -0.87 -5.91 1.55
CA ALA A 16 -0.16 -4.79 2.15
C ALA A 16 1.10 -5.31 2.79
N ALA A 17 2.09 -4.44 2.97
CA ALA A 17 3.37 -4.88 3.50
C ALA A 17 4.07 -3.74 4.23
N VAL A 18 4.82 -4.11 5.25
CA VAL A 18 5.66 -3.16 5.99
C VAL A 18 7.02 -3.78 6.21
N ASN A 19 7.99 -2.97 6.62
CA ASN A 19 9.33 -3.49 6.86
C ASN A 19 10.18 -2.60 7.73
N SER A 20 11.20 -3.21 8.32
CA SER A 20 12.38 -2.52 8.82
C SER A 20 13.56 -3.12 8.08
N THR A 21 14.17 -2.34 7.19
CA THR A 21 15.11 -2.84 6.18
C THR A 21 14.62 -4.20 5.65
N ASN A 22 15.42 -5.26 5.75
CA ASN A 22 15.04 -6.55 5.18
C ASN A 22 14.30 -7.46 6.16
N HIS A 23 13.68 -6.84 7.17
CA HIS A 23 12.76 -7.54 8.06
C HIS A 23 11.34 -7.20 7.60
N LEU A 24 10.63 -8.19 7.05
CA LEU A 24 9.40 -7.92 6.31
C LEU A 24 8.14 -8.52 6.94
N ARG A 25 7.02 -7.84 6.73
CA ARG A 25 5.71 -8.38 7.06
C ARG A 25 4.78 -8.17 5.87
N VAL A 26 4.02 -9.20 5.51
CA VAL A 26 3.08 -9.12 4.40
C VAL A 26 1.70 -9.55 4.89
N TYR A 27 0.70 -8.73 4.58
CA TYR A 27 -0.69 -8.97 4.99
C TYR A 27 -1.56 -9.28 3.80
N PHE A 28 -2.46 -10.24 3.98
CA PHE A 28 -3.38 -10.66 2.94
C PHE A 28 -4.64 -11.21 3.57
N GLN A 29 -5.65 -11.45 2.74
CA GLN A 29 -6.91 -12.00 3.23
C GLN A 29 -7.05 -13.45 2.82
N ASP A 30 -7.51 -14.32 3.73
CA ASP A 30 -7.75 -15.70 3.40
C ASP A 30 -9.17 -15.87 2.87
N SER A 31 -9.49 -17.06 2.38
CA SER A 31 -10.75 -17.28 1.67
C SER A 31 -11.97 -17.18 2.58
N HIS A 32 -11.75 -17.13 3.89
CA HIS A 32 -12.83 -17.00 4.86
C HIS A 32 -12.91 -15.60 5.45
N GLY A 33 -12.09 -14.69 4.93
CA GLY A 33 -12.21 -13.29 5.26
C GLY A 33 -11.25 -12.78 6.34
N SER A 34 -10.47 -13.67 6.94
CA SER A 34 -9.52 -13.25 7.97
C SER A 34 -8.27 -12.67 7.32
N ILE A 35 -7.72 -11.63 7.96
CA ILE A 35 -6.48 -11.01 7.54
C ILE A 35 -5.33 -11.69 8.26
N ARG A 36 -4.36 -12.19 7.48
CA ARG A 36 -3.24 -12.94 8.02
C ARG A 36 -1.93 -12.21 7.82
N GLU A 37 -0.94 -12.57 8.63
CA GLU A 37 0.40 -12.02 8.51
C GLU A 37 1.43 -13.10 8.19
N SER A 38 2.13 -12.91 7.07
CA SER A 38 3.34 -13.67 6.79
C SER A 38 4.52 -12.78 7.12
N LEU A 39 5.65 -13.37 7.49
CA LEU A 39 6.81 -12.57 7.86
C LEU A 39 8.07 -13.12 7.23
N TYR A 40 9.05 -12.22 7.07
CA TYR A 40 10.39 -12.61 6.67
C TYR A 40 11.38 -12.15 7.73
N GLU A 41 11.99 -13.11 8.40
CA GLU A 41 13.09 -12.87 9.32
C GLU A 41 14.20 -13.86 9.01
N SER A 42 15.06 -13.48 8.07
CA SER A 42 16.07 -14.39 7.54
C SER A 42 15.41 -15.68 7.08
N GLY A 43 14.26 -15.54 6.42
CA GLY A 43 13.47 -16.67 5.98
C GLY A 43 11.99 -16.41 6.16
N TRP A 44 11.17 -16.97 5.27
CA TRP A 44 9.73 -16.76 5.28
C TRP A 44 9.01 -17.73 6.22
N ALA A 45 7.96 -17.25 6.86
CA ALA A 45 7.20 -18.05 7.81
C ALA A 45 5.77 -17.55 7.98
N ASN A 46 4.96 -18.36 8.65
CA ASN A 46 3.62 -18.01 9.10
C ASN A 46 2.59 -17.90 7.96
N GLY A 47 1.69 -16.91 8.01
CA GLY A 47 0.62 -16.82 7.03
C GLY A 47 -0.45 -17.88 7.20
N THR A 48 -0.47 -18.56 8.35
CA THR A 48 -1.43 -19.64 8.59
C THR A 48 -2.67 -19.12 9.32
N ALA A 49 -3.61 -20.02 9.59
CA ALA A 49 -4.82 -19.67 10.31
C ALA A 49 -4.51 -19.31 11.76
N LYS A 50 -3.29 -19.61 12.20
CA LYS A 50 -2.84 -19.22 13.54
C LYS A 50 -2.17 -17.85 13.54
N ASN A 51 -2.17 -17.20 12.39
CA ASN A 51 -1.49 -15.91 12.21
C ASN A 51 -2.46 -14.83 11.76
N VAL A 52 -3.67 -14.88 12.30
CA VAL A 52 -4.71 -13.93 11.98
C VAL A 52 -4.62 -12.69 12.86
N ILE A 53 -4.72 -11.51 12.25
CA ILE A 53 -4.63 -10.25 12.99
C ILE A 53 -5.92 -9.45 12.92
N ALA A 54 -6.83 -9.86 12.03
CA ALA A 54 -8.09 -9.15 11.84
C ALA A 54 -9.08 -9.97 11.03
N LYS A 55 -10.33 -9.55 11.05
CA LYS A 55 -11.37 -10.09 10.17
C LYS A 55 -12.04 -8.92 9.47
N ALA A 56 -12.27 -9.06 8.16
CA ALA A 56 -12.80 -7.96 7.36
C ALA A 56 -13.77 -8.48 6.31
N LYS A 57 -14.48 -7.57 5.65
CA LYS A 57 -15.39 -7.97 4.58
C LYS A 57 -14.60 -8.70 3.51
N LEU A 58 -15.21 -9.72 2.91
CA LEU A 58 -14.58 -10.42 1.81
C LEU A 58 -14.31 -9.46 0.66
N GLY A 59 -13.07 -9.46 0.20
CA GLY A 59 -12.67 -8.60 -0.90
C GLY A 59 -12.26 -7.23 -0.40
N THR A 60 -12.04 -7.11 0.90
CA THR A 60 -11.67 -5.82 1.48
C THR A 60 -10.40 -5.26 0.84
N PRO A 61 -10.32 -3.93 0.74
CA PRO A 61 -9.00 -3.36 0.50
C PRO A 61 -8.11 -3.58 1.70
N LEU A 62 -6.80 -3.56 1.50
CA LEU A 62 -5.84 -3.66 2.60
C LEU A 62 -4.81 -2.59 2.46
N ALA A 63 -4.45 -1.95 3.57
CA ALA A 63 -3.33 -1.03 3.60
C ALA A 63 -2.59 -1.24 4.90
N ALA A 64 -1.30 -0.94 4.89
CA ALA A 64 -0.51 -1.04 6.10
C ALA A 64 0.62 0.00 6.09
N THR A 65 1.04 0.37 7.29
CA THR A 65 2.15 1.29 7.45
C THR A 65 2.79 1.01 8.79
N SER A 66 4.05 1.41 8.95
CA SER A 66 4.76 1.14 10.20
C SER A 66 5.86 2.15 10.49
N LYS A 67 6.28 2.15 11.76
CA LYS A 67 7.54 2.77 12.16
C LYS A 67 8.50 1.62 12.40
N GLU A 68 9.41 1.39 11.46
CA GLU A 68 10.20 0.16 11.45
C GLU A 68 9.24 -1.01 11.69
N LEU A 69 9.53 -1.90 12.64
CA LEU A 69 8.53 -2.90 13.05
C LEU A 69 8.17 -2.70 14.53
N LYS A 70 8.29 -1.46 15.01
CA LYS A 70 7.96 -1.15 16.41
C LYS A 70 6.48 -0.82 16.55
N ASN A 71 5.93 -0.13 15.55
CA ASN A 71 4.50 0.15 15.49
C ASN A 71 3.99 -0.20 14.11
N ILE A 72 2.97 -1.06 14.04
CA ILE A 72 2.37 -1.45 12.76
C ILE A 72 0.88 -1.20 12.82
N ARG A 73 0.32 -0.69 11.73
CA ARG A 73 -1.12 -0.50 11.61
C ARG A 73 -1.59 -1.07 10.28
N VAL A 74 -2.68 -1.83 10.32
CA VAL A 74 -3.24 -2.49 9.15
C VAL A 74 -4.71 -2.12 9.02
N TYR A 75 -5.08 -1.59 7.86
CA TYR A 75 -6.42 -1.05 7.64
C TYR A 75 -7.22 -1.90 6.68
N SER A 76 -8.51 -2.02 6.98
CA SER A 76 -9.43 -2.79 6.16
C SER A 76 -10.84 -2.26 6.39
N LEU A 77 -11.82 -2.87 5.72
CA LEU A 77 -13.22 -2.49 5.85
C LEU A 77 -14.04 -3.55 6.58
N THR A 78 -14.94 -3.10 7.44
CA THR A 78 -15.93 -3.98 8.03
C THR A 78 -16.97 -4.31 6.97
N GLU A 79 -17.86 -5.23 7.30
CA GLU A 79 -18.95 -5.59 6.40
C GLU A 79 -19.92 -4.44 6.19
N ASP A 80 -19.86 -3.43 7.05
CA ASP A 80 -20.66 -2.22 6.90
C ASP A 80 -19.85 -1.08 6.25
N ASN A 81 -18.68 -1.43 5.72
CA ASN A 81 -17.85 -0.50 4.97
C ASN A 81 -17.38 0.67 5.84
N VAL A 82 -17.09 0.33 7.10
CA VAL A 82 -16.48 1.25 8.03
C VAL A 82 -14.97 0.96 8.07
N LEU A 83 -14.16 2.01 8.07
CA LEU A 83 -12.72 1.86 8.18
C LEU A 83 -12.36 1.32 9.55
N GLN A 84 -11.53 0.29 9.58
CA GLN A 84 -11.08 -0.29 10.84
C GLN A 84 -9.57 -0.52 10.82
N GLU A 85 -9.00 -0.67 12.00
CA GLU A 85 -7.56 -0.65 12.18
C GLU A 85 -7.10 -1.75 13.12
N ALA A 86 -6.26 -2.65 12.60
CA ALA A 86 -5.58 -3.63 13.43
C ALA A 86 -4.20 -3.07 13.75
N ALA A 87 -3.84 -3.10 15.02
CA ALA A 87 -2.66 -2.39 15.50
C ALA A 87 -1.73 -3.32 16.25
N TYR A 88 -0.43 -3.12 16.05
CA TYR A 88 0.61 -3.82 16.77
C TYR A 88 1.65 -2.85 17.27
N ASP A 89 2.00 -2.94 18.55
CA ASP A 89 3.16 -2.25 19.09
C ASP A 89 4.05 -3.25 19.82
N SER A 90 5.36 -3.07 19.68
CA SER A 90 6.33 -3.92 20.38
C SER A 90 5.96 -4.15 21.83
N GLY A 91 5.96 -5.42 22.24
CA GLY A 91 5.69 -5.76 23.62
C GLY A 91 4.27 -5.49 24.07
N SER A 92 3.34 -5.38 23.13
CA SER A 92 1.92 -5.20 23.44
C SER A 92 1.04 -6.16 22.64
N GLY A 93 1.58 -6.73 21.58
CA GLY A 93 0.83 -7.65 20.74
C GLY A 93 -0.16 -6.93 19.85
N TRP A 94 -1.06 -7.69 19.23
CA TRP A 94 -2.06 -7.14 18.32
C TRP A 94 -3.34 -6.78 19.05
N TYR A 95 -3.99 -5.70 18.60
CA TYR A 95 -5.20 -5.20 19.25
C TYR A 95 -6.00 -4.37 18.26
N ASN A 96 -7.19 -3.93 18.68
CA ASN A 96 -8.03 -3.07 17.84
C ASN A 96 -7.72 -1.61 18.07
N GLY A 97 -7.29 -0.92 17.01
CA GLY A 97 -7.07 0.52 17.09
C GLY A 97 -8.37 1.28 17.20
N ALA A 98 -8.26 2.57 17.47
CA ALA A 98 -9.42 3.42 17.75
C ALA A 98 -10.17 3.84 16.49
N LEU A 99 -9.63 3.52 15.31
CA LEU A 99 -10.20 4.03 14.06
C LEU A 99 -11.69 3.71 13.88
N ALA A 100 -12.07 2.46 14.10
CA ALA A 100 -13.45 2.02 13.86
C ALA A 100 -14.43 2.79 14.74
N GLY A 101 -13.95 3.26 15.89
CA GLY A 101 -14.77 4.01 16.80
C GLY A 101 -15.22 5.35 16.22
N ALA A 102 -14.49 5.84 15.23
CA ALA A 102 -14.84 7.10 14.58
C ALA A 102 -15.95 6.89 13.56
N LYS A 103 -16.20 5.63 13.22
CA LYS A 103 -17.28 5.27 12.32
C LYS A 103 -17.21 6.03 11.00
N PHE A 104 -16.05 5.96 10.35
CA PHE A 104 -15.88 6.54 9.02
C PHE A 104 -16.40 5.56 7.99
N THR A 105 -17.55 5.87 7.38
CA THR A 105 -18.13 5.01 6.36
C THR A 105 -17.67 5.46 4.98
N VAL A 106 -17.29 4.50 4.15
CA VAL A 106 -16.76 4.79 2.83
C VAL A 106 -17.56 4.00 1.78
N ALA A 107 -17.30 4.24 0.51
CA ALA A 107 -17.96 3.50 -0.57
C ALA A 107 -17.63 2.02 -0.46
N PRO A 108 -18.57 1.15 -0.84
CA PRO A 108 -18.26 -0.28 -0.75
C PRO A 108 -17.03 -0.68 -1.57
N TYR A 109 -16.76 0.08 -2.63
CA TYR A 109 -15.67 -0.21 -3.55
C TYR A 109 -14.41 0.56 -3.21
N SER A 110 -14.42 1.24 -2.07
CA SER A 110 -13.28 2.05 -1.64
C SER A 110 -12.01 1.22 -1.48
N ARG A 111 -10.89 1.80 -1.89
CA ARG A 111 -9.59 1.29 -1.52
C ARG A 111 -9.12 2.06 -0.29
N ILE A 112 -7.93 1.71 0.20
CA ILE A 112 -7.34 2.40 1.34
C ILE A 112 -5.86 2.60 1.10
N GLY A 113 -5.37 3.80 1.44
CA GLY A 113 -3.95 4.05 1.53
C GLY A 113 -3.63 4.55 2.93
N SER A 114 -2.44 4.24 3.42
CA SER A 114 -2.06 4.60 4.79
C SER A 114 -0.57 4.88 4.92
N VAL A 115 -0.25 5.98 5.62
CA VAL A 115 1.13 6.24 6.01
C VAL A 115 1.23 6.84 7.41
N PHE A 116 2.29 6.45 8.12
CA PHE A 116 2.82 7.24 9.22
C PHE A 116 3.58 8.40 8.63
N LEU A 117 3.46 9.59 9.20
CA LEU A 117 4.23 10.72 8.69
C LEU A 117 5.71 10.51 9.02
N ALA A 118 6.55 10.77 8.02
CA ALA A 118 7.97 10.51 8.11
C ALA A 118 8.73 11.68 8.72
N GLY A 119 9.93 11.42 9.19
CA GLY A 119 10.83 12.47 9.65
C GLY A 119 10.52 12.98 11.04
N THR A 120 9.77 12.19 11.80
CA THR A 120 9.43 12.53 13.18
C THR A 120 9.30 11.26 14.00
N ASN A 121 9.65 11.36 15.28
CA ASN A 121 9.46 10.24 16.20
C ASN A 121 8.01 10.13 16.63
N ALA A 122 7.24 11.18 16.39
CA ALA A 122 5.81 11.17 16.71
C ALA A 122 5.08 10.14 15.87
N LEU A 123 3.99 9.62 16.43
CA LEU A 123 3.10 8.73 15.68
C LEU A 123 1.94 9.54 15.12
N GLN A 124 2.01 9.82 13.82
CA GLN A 124 1.00 10.60 13.14
C GLN A 124 0.57 9.86 11.87
N LEU A 125 -0.72 9.59 11.75
CA LEU A 125 -1.24 8.76 10.67
C LEU A 125 -2.09 9.56 9.70
N ARG A 126 -1.92 9.27 8.41
CA ARG A 126 -2.82 9.75 7.38
C ARG A 126 -3.35 8.57 6.60
N ILE A 127 -4.68 8.42 6.61
CA ILE A 127 -5.37 7.37 5.87
C ILE A 127 -6.14 8.00 4.73
N TYR A 128 -6.20 7.31 3.59
CA TYR A 128 -6.94 7.83 2.45
C TYR A 128 -7.89 6.77 1.94
N ALA A 129 -9.15 7.16 1.76
CA ALA A 129 -10.17 6.26 1.26
C ALA A 129 -11.18 7.03 0.43
N GLN A 130 -12.12 6.31 -0.16
CA GLN A 130 -13.08 6.91 -1.10
C GLN A 130 -14.49 6.89 -0.52
N LYS A 131 -15.09 8.07 -0.37
CA LYS A 131 -16.42 8.19 0.18
C LYS A 131 -17.46 7.86 -0.89
N THR A 132 -18.73 7.80 -0.50
CA THR A 132 -19.79 7.44 -1.43
C THR A 132 -20.02 8.49 -2.51
N ASP A 133 -19.49 9.71 -2.32
CA ASP A 133 -19.51 10.72 -3.39
C ASP A 133 -18.28 10.62 -4.28
N ASN A 134 -17.52 9.53 -4.10
CA ASN A 134 -16.34 9.21 -4.90
C ASN A 134 -15.14 10.13 -4.69
N THR A 135 -15.22 11.06 -3.74
CA THR A 135 -14.05 11.86 -3.43
C THR A 135 -13.09 11.07 -2.57
N ILE A 136 -11.81 11.43 -2.66
CA ILE A 136 -10.77 10.80 -1.87
C ILE A 136 -10.61 11.62 -0.59
N GLN A 137 -10.94 11.00 0.54
CA GLN A 137 -10.92 11.68 1.83
C GLN A 137 -9.72 11.24 2.64
N GLU A 138 -9.03 12.23 3.21
CA GLU A 138 -7.98 11.98 4.19
C GLU A 138 -8.59 11.89 5.58
N TYR A 139 -8.12 10.92 6.36
CA TYR A 139 -8.45 10.79 7.77
C TYR A 139 -7.14 10.78 8.54
N MET A 140 -7.13 11.42 9.70
CA MET A 140 -5.86 11.60 10.41
C MET A 140 -5.96 11.36 11.89
N TRP A 141 -4.82 10.97 12.46
CA TRP A 141 -4.67 10.81 13.90
C TRP A 141 -3.35 11.46 14.28
N ASN A 142 -3.44 12.45 15.17
CA ASN A 142 -2.28 13.22 15.62
C ASN A 142 -2.21 13.28 17.15
N GLY A 143 -2.81 12.29 17.81
CA GLY A 143 -2.82 12.26 19.26
C GLY A 143 -4.00 13.01 19.88
N ASP A 144 -4.90 13.48 19.03
CA ASP A 144 -6.11 14.16 19.49
C ASP A 144 -7.34 13.51 18.86
N GLY A 145 -7.27 12.20 18.68
CA GLY A 145 -8.37 11.43 18.17
C GLY A 145 -8.46 11.43 16.66
N TRP A 146 -9.19 10.46 16.11
CA TRP A 146 -9.38 10.38 14.67
C TRP A 146 -10.33 11.45 14.18
N LYS A 147 -9.98 12.07 13.07
CA LYS A 147 -10.85 13.07 12.45
C LYS A 147 -10.56 13.15 10.96
N GLU A 148 -11.45 13.80 10.23
CA GLU A 148 -11.25 14.01 8.80
C GLU A 148 -10.21 15.09 8.56
N GLY A 149 -9.30 14.81 7.62
CA GLY A 149 -8.35 15.79 7.15
C GLY A 149 -8.85 16.44 5.87
N THR A 150 -7.95 16.57 4.89
CA THR A 150 -8.26 17.25 3.65
C THR A 150 -8.95 16.30 2.68
N ASN A 151 -9.90 16.85 1.91
CA ASN A 151 -10.52 16.10 0.83
C ASN A 151 -9.80 16.41 -0.47
N LEU A 152 -9.40 15.36 -1.20
CA LEU A 152 -8.54 15.51 -2.36
C LEU A 152 -9.31 15.51 -3.69
N GLY A 153 -10.63 15.44 -3.61
CA GLY A 153 -11.46 15.57 -4.79
C GLY A 153 -11.89 14.25 -5.39
N VAL A 154 -12.60 14.34 -6.51
CA VAL A 154 -13.28 13.20 -7.10
C VAL A 154 -12.32 12.28 -7.86
N ALA A 155 -12.50 10.98 -7.65
CA ALA A 155 -11.75 9.97 -8.37
C ALA A 155 -12.71 8.96 -8.99
N LEU A 156 -12.19 8.16 -9.90
CA LEU A 156 -12.98 7.07 -10.46
C LEU A 156 -13.53 6.20 -9.35
N PRO A 157 -14.83 5.82 -9.44
CA PRO A 157 -15.35 4.91 -8.42
C PRO A 157 -14.55 3.61 -8.36
N GLY A 158 -13.94 3.34 -7.20
CA GLY A 158 -13.20 2.11 -7.00
C GLY A 158 -11.73 2.22 -7.35
N THR A 159 -11.26 3.45 -7.53
CA THR A 159 -9.86 3.69 -7.85
C THR A 159 -8.91 3.02 -6.87
N GLY A 160 -7.77 2.57 -7.38
CA GLY A 160 -6.64 2.27 -6.53
C GLY A 160 -6.17 3.55 -5.84
N ILE A 161 -5.55 3.38 -4.68
CA ILE A 161 -4.97 4.50 -3.96
C ILE A 161 -3.55 4.16 -3.55
N GLY A 162 -2.60 4.88 -4.13
CA GLY A 162 -1.21 4.77 -3.75
C GLY A 162 -0.81 5.99 -2.95
N VAL A 163 0.07 5.81 -1.99
CA VAL A 163 0.50 6.94 -1.17
C VAL A 163 1.87 6.66 -0.59
N THR A 164 2.68 7.71 -0.50
CA THR A 164 4.00 7.58 0.10
C THR A 164 4.34 8.89 0.79
N CYS A 165 5.23 8.81 1.77
CA CYS A 165 5.56 9.95 2.62
C CYS A 165 7.03 9.94 2.99
N TRP A 166 7.64 11.12 2.99
CA TRP A 166 9.03 11.27 3.38
C TRP A 166 9.19 12.65 3.95
N ARG A 167 10.39 12.94 4.45
CA ARG A 167 10.75 14.29 4.84
C ARG A 167 12.03 14.69 4.16
N TYR A 168 11.97 15.76 3.37
CA TYR A 168 13.17 16.36 2.83
C TYR A 168 14.11 16.76 3.96
N THR A 169 15.41 16.56 3.77
CA THR A 169 16.37 16.88 4.82
C THR A 169 16.49 18.39 5.04
N ASP A 170 16.01 19.19 4.07
CA ASP A 170 16.04 20.64 4.19
C ASP A 170 14.67 21.24 4.48
N TYR A 171 13.72 20.40 4.86
CA TYR A 171 12.38 20.88 5.27
C TYR A 171 12.04 20.48 6.70
N ASP A 172 11.09 21.20 7.28
CA ASP A 172 10.72 21.04 8.68
C ASP A 172 9.39 20.30 8.84
N GLY A 173 8.99 19.57 7.80
CA GLY A 173 7.74 18.83 7.85
C GLY A 173 7.71 17.75 6.80
N PRO A 174 6.64 16.94 6.81
CA PRO A 174 6.50 15.81 5.91
C PRO A 174 5.99 16.20 4.53
N SER A 175 6.42 15.44 3.52
CA SER A 175 5.85 15.52 2.18
C SER A 175 5.04 14.27 1.91
N ILE A 176 3.86 14.44 1.32
CA ILE A 176 2.97 13.32 1.01
C ILE A 176 2.64 13.36 -0.47
N ARG A 177 2.62 12.19 -1.10
CA ARG A 177 2.13 12.08 -2.47
C ARG A 177 1.07 10.99 -2.50
N VAL A 178 -0.04 11.29 -3.17
CA VAL A 178 -1.15 10.35 -3.30
C VAL A 178 -1.45 10.17 -4.77
N TRP A 179 -1.54 8.93 -5.22
CA TRP A 179 -1.88 8.65 -6.60
C TRP A 179 -3.21 7.92 -6.69
N PHE A 180 -4.02 8.31 -7.65
CA PHE A 180 -5.27 7.62 -7.91
C PHE A 180 -5.71 7.82 -9.35
N GLN A 181 -6.83 7.22 -9.70
CA GLN A 181 -7.34 7.21 -11.05
C GLN A 181 -8.55 8.13 -11.17
N THR A 182 -8.58 8.95 -12.23
CA THR A 182 -9.69 9.86 -12.45
C THR A 182 -10.69 9.27 -13.45
N ASP A 183 -11.83 9.92 -13.61
CA ASP A 183 -12.92 9.41 -14.45
C ASP A 183 -12.46 9.07 -15.86
N ASN A 184 -11.53 9.87 -16.38
CA ASN A 184 -10.98 9.66 -17.71
C ASN A 184 -9.99 8.49 -17.78
N LEU A 185 -9.82 7.81 -16.65
CA LEU A 185 -8.98 6.62 -16.52
C LEU A 185 -7.49 6.93 -16.46
N LYS A 186 -7.13 8.22 -16.45
CA LYS A 186 -5.74 8.62 -16.24
C LYS A 186 -5.32 8.31 -14.81
N LEU A 187 -4.02 8.09 -14.61
CA LEU A 187 -3.46 7.99 -13.27
C LEU A 187 -2.84 9.33 -12.93
N VAL A 188 -3.23 9.89 -11.77
CA VAL A 188 -2.81 11.23 -11.40
C VAL A 188 -2.18 11.26 -10.00
N GLN A 189 -1.53 12.38 -9.71
CA GLN A 189 -0.86 12.60 -8.44
C GLN A 189 -1.40 13.86 -7.76
N ARG A 190 -1.66 13.77 -6.46
CA ARG A 190 -1.86 14.95 -5.61
C ARG A 190 -0.63 15.04 -4.70
N ALA A 191 -0.29 16.25 -4.29
CA ALA A 191 0.95 16.46 -3.54
C ALA A 191 0.77 17.41 -2.36
N TYR A 192 1.38 17.04 -1.24
CA TYR A 192 1.46 17.89 -0.06
C TYR A 192 2.92 18.14 0.28
N ASP A 193 3.28 19.41 0.44
CA ASP A 193 4.57 19.80 1.00
C ASP A 193 4.33 20.69 2.21
N PRO A 194 5.30 20.75 3.13
CA PRO A 194 5.18 21.73 4.22
C PRO A 194 5.00 23.15 3.69
N HIS A 195 4.26 23.97 4.43
CA HIS A 195 4.01 25.39 4.13
C HIS A 195 3.03 25.58 2.99
N THR A 196 3.33 25.05 1.81
CA THR A 196 2.43 25.14 0.67
C THR A 196 1.16 24.33 0.93
N GLY A 197 1.29 23.29 1.74
CA GLY A 197 0.20 22.37 1.97
C GLY A 197 -0.08 21.58 0.72
N TRP A 198 -1.35 21.24 0.49
CA TRP A 198 -1.73 20.52 -0.72
C TRP A 198 -1.69 21.45 -1.93
N TYR A 199 -0.85 21.09 -2.89
CA TYR A 199 -0.82 21.80 -4.16
C TYR A 199 -2.14 21.60 -4.90
N LYS A 200 -2.57 22.62 -5.64
CA LYS A 200 -3.83 22.53 -6.36
C LYS A 200 -3.70 21.60 -7.57
N GLU A 201 -2.50 21.57 -8.13
CA GLU A 201 -2.23 20.84 -9.38
C GLU A 201 -2.39 19.32 -9.27
N LEU A 202 -3.12 18.75 -10.23
CA LEU A 202 -3.09 17.32 -10.48
C LEU A 202 -2.08 17.01 -11.57
N THR A 203 -1.14 16.12 -11.27
CA THR A 203 -0.13 15.72 -12.24
C THR A 203 -0.44 14.34 -12.80
N THR A 204 -0.57 14.25 -14.12
CA THR A 204 -0.78 12.96 -14.78
C THR A 204 0.52 12.17 -14.81
N ILE A 205 0.48 10.92 -14.35
CA ILE A 205 1.66 10.06 -14.46
C ILE A 205 1.47 8.93 -15.46
N PHE A 206 0.23 8.68 -15.88
CA PHE A 206 -0.05 7.69 -16.92
C PHE A 206 -1.37 8.03 -17.63
N ASP A 207 -1.37 7.90 -18.95
CA ASP A 207 -2.46 8.43 -19.77
C ASP A 207 -3.76 7.62 -19.67
N LYS A 208 -3.62 6.31 -19.63
CA LYS A 208 -4.80 5.45 -19.54
C LYS A 208 -4.43 4.11 -18.92
N ALA A 209 -5.18 3.74 -17.89
CA ALA A 209 -4.97 2.50 -17.18
C ALA A 209 -6.29 1.75 -17.04
N PRO A 210 -6.22 0.44 -16.75
CA PRO A 210 -7.48 -0.31 -16.59
C PRO A 210 -8.35 0.27 -15.48
N PRO A 211 -9.69 0.21 -15.63
CA PRO A 211 -10.54 0.73 -14.56
C PRO A 211 -10.34 -0.01 -13.23
N ARG A 212 -10.13 0.76 -12.17
CA ARG A 212 -9.91 0.22 -10.83
C ARG A 212 -8.62 -0.62 -10.74
N CYS A 213 -7.67 -0.36 -11.62
CA CYS A 213 -6.37 -1.03 -11.52
C CYS A 213 -5.73 -0.77 -10.16
N ALA A 214 -5.01 -1.75 -9.64
CA ALA A 214 -4.29 -1.57 -8.39
C ALA A 214 -3.19 -0.52 -8.57
N ILE A 215 -2.95 0.26 -7.52
CA ILE A 215 -1.89 1.28 -7.51
C ILE A 215 -1.13 1.21 -6.18
N ALA A 216 0.20 1.25 -6.26
CA ALA A 216 1.02 1.23 -5.05
C ALA A 216 2.31 2.00 -5.28
N ALA A 217 2.79 2.68 -4.24
CA ALA A 217 3.95 3.55 -4.38
C ALA A 217 4.92 3.47 -3.20
N THR A 218 6.18 3.81 -3.47
CA THR A 218 7.20 3.87 -2.44
C THR A 218 8.17 5.01 -2.76
N ASN A 219 9.03 5.34 -1.81
CA ASN A 219 10.07 6.33 -2.04
C ASN A 219 11.34 5.90 -1.35
N PHE A 220 12.47 6.43 -1.80
CA PHE A 220 13.74 6.16 -1.14
C PHE A 220 14.73 7.29 -1.36
N ASN A 221 15.76 7.31 -0.52
CA ASN A 221 16.85 8.28 -0.57
C ASN A 221 16.39 9.74 -0.57
N PRO A 222 15.57 10.13 0.43
CA PRO A 222 15.24 11.54 0.58
C PRO A 222 16.47 12.35 0.91
N GLY A 223 16.54 13.56 0.38
CA GLY A 223 17.65 14.45 0.67
C GLY A 223 17.23 15.89 0.59
N LYS A 224 18.20 16.73 0.24
CA LYS A 224 18.01 18.16 0.13
C LYS A 224 17.16 18.49 -1.09
N SER A 225 15.88 18.74 -0.87
CA SER A 225 14.93 19.01 -1.96
C SER A 225 14.98 17.92 -3.02
N SER A 226 15.24 16.68 -2.60
CA SER A 226 15.37 15.57 -3.53
C SER A 226 14.68 14.33 -3.00
N ILE A 227 14.05 13.60 -3.91
CA ILE A 227 13.41 12.34 -3.57
C ILE A 227 13.45 11.43 -4.79
N TYR A 228 13.26 10.14 -4.54
CA TYR A 228 13.15 9.15 -5.60
C TYR A 228 11.93 8.31 -5.29
N MET A 229 11.03 8.22 -6.26
CA MET A 229 9.74 7.55 -6.07
C MET A 229 9.50 6.52 -7.14
N ARG A 230 8.78 5.47 -6.77
CA ARG A 230 8.37 4.43 -7.70
C ARG A 230 6.89 4.17 -7.49
N ILE A 231 6.12 4.24 -8.58
CA ILE A 231 4.69 3.95 -8.54
C ILE A 231 4.42 2.78 -9.44
N TYR A 232 3.68 1.81 -8.90
CA TYR A 232 3.35 0.59 -9.61
C TYR A 232 1.86 0.49 -9.80
N PHE A 233 1.45 -0.02 -10.96
CA PHE A 233 0.04 -0.29 -11.21
C PHE A 233 -0.10 -1.45 -12.16
N VAL A 234 -1.27 -2.09 -12.13
CA VAL A 234 -1.55 -3.19 -13.04
C VAL A 234 -2.10 -2.61 -14.34
N ASN A 235 -1.41 -2.90 -15.44
CA ASN A 235 -1.75 -2.35 -16.74
C ASN A 235 -2.61 -3.33 -17.53
N SER A 236 -3.07 -2.89 -18.70
CA SER A 236 -3.99 -3.68 -19.51
C SER A 236 -3.35 -4.93 -20.11
N ASP A 237 -2.02 -5.03 -20.07
CA ASP A 237 -1.32 -6.21 -20.54
C ASP A 237 -1.15 -7.27 -19.45
N ASN A 238 -1.89 -7.11 -18.35
CA ASN A 238 -1.81 -8.02 -17.21
C ASN A 238 -0.40 -8.15 -16.66
N THR A 239 0.29 -7.02 -16.58
CA THR A 239 1.57 -6.94 -15.89
C THR A 239 1.54 -5.73 -14.99
N ILE A 240 2.40 -5.74 -13.98
CA ILE A 240 2.67 -4.54 -13.20
C ILE A 240 3.59 -3.66 -14.01
N TRP A 241 3.21 -2.39 -14.15
CA TRP A 241 4.09 -1.38 -14.74
C TRP A 241 4.65 -0.48 -13.64
N GLN A 242 5.82 0.09 -13.92
CA GLN A 242 6.51 0.98 -13.00
C GLN A 242 6.62 2.38 -13.60
N VAL A 243 6.37 3.40 -12.79
CA VAL A 243 6.62 4.78 -13.17
C VAL A 243 7.68 5.33 -12.24
N CYS A 244 8.72 5.94 -12.81
CA CYS A 244 9.86 6.43 -12.03
C CYS A 244 9.90 7.94 -11.91
N TRP A 245 9.99 8.41 -10.67
CA TRP A 245 10.47 9.76 -10.40
C TRP A 245 11.89 9.65 -9.86
N ASP A 246 12.81 10.39 -10.47
CA ASP A 246 14.16 10.50 -9.94
C ASP A 246 14.58 11.96 -9.95
N HIS A 247 15.06 12.43 -8.80
CA HIS A 247 15.63 13.76 -8.70
C HIS A 247 16.59 14.02 -9.84
N GLY A 248 16.39 15.14 -10.53
CA GLY A 248 17.22 15.51 -11.66
C GLY A 248 16.58 15.19 -13.00
N GLN A 249 15.66 14.21 -13.00
CA GLN A 249 15.00 13.78 -14.23
C GLN A 249 13.48 13.91 -14.14
N GLY A 250 12.97 14.03 -12.92
CA GLY A 250 11.53 14.07 -12.69
C GLY A 250 10.87 12.76 -13.08
N TYR A 251 9.63 12.83 -13.55
CA TYR A 251 8.96 11.66 -14.11
C TYR A 251 9.50 11.39 -15.52
N HIS A 252 10.16 10.25 -15.70
CA HIS A 252 11.00 10.06 -16.88
C HIS A 252 11.07 8.64 -17.39
N ASP A 253 10.29 7.72 -16.80
CA ASP A 253 10.33 6.34 -17.27
C ASP A 253 9.06 5.57 -16.93
N LYS A 254 8.60 4.78 -17.89
CA LYS A 254 7.48 3.87 -17.73
C LYS A 254 7.85 2.53 -18.35
N ARG A 255 7.79 1.46 -17.56
CA ARG A 255 8.18 0.12 -18.02
C ARG A 255 7.30 -0.95 -17.42
N THR A 256 7.11 -2.06 -18.14
CA THR A 256 6.55 -3.25 -17.53
C THR A 256 7.58 -3.85 -16.57
N ILE A 257 7.11 -4.49 -15.51
CA ILE A 257 7.97 -5.09 -14.51
C ILE A 257 7.82 -6.61 -14.50
N THR A 258 6.61 -7.09 -14.26
CA THR A 258 6.39 -8.53 -14.13
C THR A 258 4.92 -8.89 -14.38
N PRO A 259 4.66 -10.09 -14.95
CA PRO A 259 3.26 -10.51 -15.17
C PRO A 259 2.49 -10.75 -13.87
N VAL A 260 1.18 -10.51 -13.91
CA VAL A 260 0.29 -10.80 -12.79
C VAL A 260 -0.98 -11.45 -13.31
N ILE A 261 -1.76 -12.02 -12.41
CA ILE A 261 -3.10 -12.46 -12.78
C ILE A 261 -3.96 -11.25 -13.09
N GLN A 262 -4.93 -11.44 -13.96
CA GLN A 262 -5.97 -10.45 -14.18
C GLN A 262 -6.51 -9.96 -12.84
N GLY A 263 -6.48 -8.65 -12.63
CA GLY A 263 -7.05 -8.07 -11.44
C GLY A 263 -6.24 -8.24 -10.16
N SER A 264 -4.95 -8.57 -10.27
CA SER A 264 -4.11 -8.69 -9.09
C SER A 264 -4.05 -7.38 -8.34
N GLU A 265 -4.03 -7.48 -7.01
CA GLU A 265 -3.68 -6.35 -6.17
C GLU A 265 -2.16 -6.36 -6.02
N ILE A 266 -1.59 -5.29 -5.48
CA ILE A 266 -0.15 -5.19 -5.37
C ILE A 266 0.26 -4.45 -4.10
N ALA A 267 1.46 -4.79 -3.62
CA ALA A 267 2.07 -4.04 -2.51
C ALA A 267 3.55 -3.85 -2.80
N ILE A 268 4.08 -2.72 -2.35
CA ILE A 268 5.48 -2.38 -2.56
C ILE A 268 6.09 -1.95 -1.23
N ILE A 269 7.30 -2.42 -0.97
CA ILE A 269 8.11 -1.89 0.12
C ILE A 269 9.52 -1.62 -0.38
N SER A 270 10.27 -0.83 0.36
CA SER A 270 11.65 -0.56 -0.01
C SER A 270 12.48 -0.22 1.20
N TRP A 271 13.79 -0.27 1.01
CA TRP A 271 14.71 0.28 2.00
C TRP A 271 15.99 0.70 1.29
N GLU A 272 16.83 1.45 2.00
CA GLU A 272 17.94 2.11 1.35
C GLU A 272 18.87 1.10 0.68
N GLY A 273 19.38 1.50 -0.49
CA GLY A 273 20.14 0.61 -1.35
C GLY A 273 20.19 1.18 -2.75
N PRO A 274 19.02 1.27 -3.41
CA PRO A 274 17.72 0.84 -2.90
C PRO A 274 17.47 -0.65 -3.06
N GLU A 275 16.66 -1.20 -2.15
CA GLU A 275 16.08 -2.52 -2.31
C GLU A 275 14.58 -2.37 -2.46
N LEU A 276 14.00 -3.02 -3.45
CA LEU A 276 12.56 -3.00 -3.69
C LEU A 276 12.00 -4.40 -3.56
N ARG A 277 10.82 -4.53 -2.96
CA ARG A 277 10.08 -5.79 -2.96
C ARG A 277 8.62 -5.54 -3.32
N LEU A 278 8.17 -6.25 -4.34
CA LEU A 278 6.83 -6.15 -4.88
C LEU A 278 6.09 -7.43 -4.54
N TYR A 279 4.83 -7.33 -4.13
CA TYR A 279 4.01 -8.51 -3.86
C TYR A 279 2.71 -8.44 -4.64
N PHE A 280 2.26 -9.61 -5.09
CA PHE A 280 1.19 -9.71 -6.08
C PHE A 280 0.85 -11.18 -6.28
N GLN A 281 -0.18 -11.44 -7.07
CA GLN A 281 -0.51 -12.78 -7.51
C GLN A 281 -0.23 -12.90 -9.01
N ASN A 282 0.55 -13.90 -9.39
CA ASN A 282 0.84 -14.15 -10.81
C ASN A 282 0.43 -15.55 -11.24
N GLY A 283 -0.33 -16.24 -10.38
CA GLY A 283 -0.85 -17.55 -10.72
C GLY A 283 -0.03 -18.72 -10.18
N THR A 284 0.98 -18.42 -9.37
CA THR A 284 1.76 -19.49 -8.75
C THR A 284 0.88 -20.27 -7.78
N TYR A 285 0.81 -21.58 -7.95
CA TYR A 285 -0.13 -22.42 -7.20
C TYR A 285 -1.53 -21.81 -7.25
N VAL A 286 -1.83 -21.21 -8.40
CA VAL A 286 -3.10 -20.54 -8.66
C VAL A 286 -3.26 -19.25 -7.85
N SER A 287 -3.24 -19.35 -6.53
CA SER A 287 -3.60 -18.22 -5.66
C SER A 287 -2.51 -17.80 -4.66
N ALA A 288 -1.32 -18.37 -4.76
CA ALA A 288 -0.24 -17.94 -3.87
C ALA A 288 0.17 -16.52 -4.22
N ILE A 289 0.77 -15.84 -3.24
CA ILE A 289 1.36 -14.53 -3.44
C ILE A 289 2.82 -14.72 -3.80
N SER A 290 3.26 -14.00 -4.84
CA SER A 290 4.65 -14.05 -5.29
C SER A 290 5.35 -12.74 -5.01
N GLU A 291 6.68 -12.77 -5.09
CA GLU A 291 7.53 -11.62 -4.81
C GLU A 291 8.42 -11.30 -6.00
N TRP A 292 8.56 -10.01 -6.28
CA TRP A 292 9.55 -9.52 -7.24
C TRP A 292 10.52 -8.64 -6.46
N THR A 293 11.80 -8.68 -6.84
CA THR A 293 12.84 -7.98 -6.12
C THR A 293 13.65 -7.09 -7.04
N TRP A 294 14.16 -5.99 -6.50
CA TRP A 294 15.18 -5.21 -7.17
C TRP A 294 16.26 -4.83 -6.17
N GLY A 295 17.51 -5.00 -6.58
CA GLY A 295 18.66 -4.55 -5.81
C GLY A 295 19.80 -4.24 -6.76
N LYS A 296 20.85 -3.60 -6.25
CA LYS A 296 21.99 -3.26 -7.09
C LYS A 296 22.75 -4.50 -7.55
N ALA A 297 22.78 -5.52 -6.68
CA ALA A 297 23.53 -6.74 -6.95
C ALA A 297 23.09 -7.45 -8.23
N HIS A 298 21.78 -7.55 -8.42
CA HIS A 298 21.23 -8.41 -9.48
C HIS A 298 20.09 -7.76 -10.29
N GLY A 299 19.74 -6.53 -9.95
CA GLY A 299 18.71 -5.82 -10.67
C GLY A 299 17.35 -6.48 -10.52
N SER A 300 16.56 -6.48 -11.59
CA SER A 300 15.24 -7.07 -11.57
C SER A 300 15.31 -8.59 -11.53
N GLN A 301 14.73 -9.18 -10.48
CA GLN A 301 14.69 -10.62 -10.34
C GLN A 301 13.44 -11.03 -9.56
N LEU A 302 12.82 -12.13 -9.97
CA LEU A 302 11.73 -12.68 -9.19
C LEU A 302 12.28 -13.17 -7.87
N GLY A 303 11.51 -13.00 -6.81
CA GLY A 303 11.91 -13.44 -5.48
C GLY A 303 11.18 -14.71 -5.08
N ARG A 304 10.78 -14.74 -3.81
CA ARG A 304 10.01 -15.85 -3.27
C ARG A 304 8.82 -16.17 -4.18
N ARG A 305 8.78 -17.41 -4.67
CA ARG A 305 7.78 -17.83 -5.65
C ARG A 305 6.38 -17.89 -5.04
N ALA A 306 6.32 -18.43 -3.82
CA ALA A 306 5.06 -18.65 -3.15
C ALA A 306 5.23 -18.38 -1.66
N LEU A 307 4.71 -17.24 -1.22
CA LEU A 307 4.80 -16.85 0.17
C LEU A 307 4.05 -17.83 1.06
N PRO A 308 4.48 -17.95 2.32
CA PRO A 308 3.65 -18.70 3.28
C PRO A 308 2.24 -18.14 3.26
N PRO A 309 1.21 -19.00 3.37
CA PRO A 309 1.24 -20.43 3.70
C PRO A 309 1.31 -21.39 2.49
N ALA A 310 1.58 -20.86 1.29
CA ALA A 310 1.56 -21.68 0.09
C ALA A 310 2.56 -22.83 0.16
N GLU A 311 3.75 -22.52 0.68
CA GLU A 311 4.81 -23.50 0.84
C GLU A 311 5.81 -23.00 1.88
#